data_6F23
#
_entry.id   6F23
#
_cell.length_a   59.420
_cell.length_b   67.080
_cell.length_c   83.410
_cell.angle_alpha   90.00
_cell.angle_beta   90.00
_cell.angle_gamma   90.00
#
_symmetry.space_group_name_H-M   'P 21 21 21'
#
loop_
_entity.id
_entity.type
_entity.pdbx_description
1 polymer '7,8-dihydro-8-oxoguanine triphosphatase'
2 non-polymer 4-[(2~{R})-2-phenylpyrrolidin-1-yl]-1~{H}-pyrrolo[2,3-b]pyridine
3 non-polymer 'SULFATE ION'
4 non-polymer GLYCEROL
5 water water
#
_entity_poly.entity_id   1
_entity_poly.type   'polypeptide(L)'
_entity_poly.pdbx_seq_one_letter_code
;GSHMGASRLYTLVLVLQPQRVLLGMKKRGFGAGRWNGFGGKVQEGETIEDGARRELQEESGLTVDALHKVGQIVFEFVGE
PELMDVHVFCTDSIQGTPVESDEMRPCWFQLDQIPFKDMWPDDSYWFPLLLQKKKFHGYFKFQGQDTILDYTLREVDTV
;
_entity_poly.pdbx_strand_id   A,B
#
loop_
_chem_comp.id
_chem_comp.type
_chem_comp.name
_chem_comp.formula
C8Z non-polymer 4-[(2~{R})-2-phenylpyrrolidin-1-yl]-1~{H}-pyrrolo[2,3-b]pyridine 'C17 H17 N3'
GOL non-polymer GLYCEROL 'C3 H8 O3'
SO4 non-polymer 'SULFATE ION' 'O4 S -2'
#
# COMPACT_ATOMS: atom_id res chain seq x y z
N GLY A 1 5.85 3.76 -4.17
CA GLY A 1 6.52 4.64 -5.18
C GLY A 1 7.63 5.48 -4.57
N SER A 2 8.04 6.52 -5.28
CA SER A 2 9.20 7.35 -4.85
C SER A 2 8.73 8.43 -3.87
N HIS A 3 9.60 8.72 -2.90
CA HIS A 3 9.41 9.80 -1.95
C HIS A 3 10.68 10.64 -1.94
N MET A 4 10.56 11.85 -2.50
CA MET A 4 11.70 12.71 -2.71
C MET A 4 12.10 13.45 -1.44
N GLY A 5 13.41 13.63 -1.32
CA GLY A 5 14.01 14.39 -0.25
C GLY A 5 14.96 13.56 0.56
N ALA A 6 15.76 14.25 1.37
CA ALA A 6 16.69 13.61 2.27
C ALA A 6 15.92 12.70 3.25
N SER A 7 16.44 11.48 3.42
CA SER A 7 15.95 10.59 4.45
C SER A 7 17.09 10.20 5.37
N ARG A 8 16.68 9.76 6.56
CA ARG A 8 17.58 9.39 7.64
C ARG A 8 17.33 7.92 7.89
N LEU A 9 18.39 7.11 7.92
CA LEU A 9 18.29 5.66 8.14
C LEU A 9 18.00 5.30 9.62
N TYR A 10 17.07 4.36 9.82
CA TYR A 10 16.69 3.79 11.10
C TYR A 10 16.58 2.30 10.96
N THR A 11 16.69 1.63 12.09
CA THR A 11 16.50 0.18 12.22
C THR A 11 15.39 -0.11 13.17
N LEU A 12 14.75 -1.26 12.98
CA LEU A 12 13.71 -1.77 13.84
C LEU A 12 13.77 -3.30 13.86
N VAL A 13 13.95 -3.89 15.03
CA VAL A 13 14.23 -5.31 15.13
C VAL A 13 13.13 -5.95 15.94
N LEU A 14 12.51 -6.97 15.38
CA LEU A 14 11.48 -7.73 16.05
C LEU A 14 12.01 -9.11 16.37
N VAL A 15 12.15 -9.41 17.65
CA VAL A 15 12.55 -10.76 18.08
C VAL A 15 11.26 -11.58 18.09
N LEU A 16 11.07 -12.43 17.08
CA LEU A 16 9.81 -13.13 16.87
C LEU A 16 10.06 -14.64 16.99
N GLN A 17 9.55 -15.24 18.08
CA GLN A 17 9.73 -16.66 18.34
C GLN A 17 8.40 -17.30 17.91
N PRO A 18 8.29 -18.64 17.98
CA PRO A 18 7.07 -19.26 17.41
C PRO A 18 5.75 -18.84 18.02
N GLN A 19 5.71 -18.53 19.32
CA GLN A 19 4.46 -18.20 19.98
C GLN A 19 4.46 -16.86 20.70
N ARG A 20 5.45 -16.03 20.45
CA ARG A 20 5.52 -14.74 21.13
C ARG A 20 6.50 -13.81 20.46
N VAL A 21 6.36 -12.54 20.78
CA VAL A 21 7.23 -11.51 20.23
C VAL A 21 7.66 -10.56 21.33
N LEU A 22 8.92 -10.12 21.26
CA LEU A 22 9.50 -9.14 22.22
C LEU A 22 9.34 -7.72 21.73
N LEU A 23 8.80 -6.88 22.60
CA LEU A 23 8.64 -5.49 22.35
C LEU A 23 9.17 -4.75 23.54
N GLY A 24 9.40 -3.47 23.33
CA GLY A 24 9.99 -2.58 24.36
C GLY A 24 9.10 -1.37 24.52
N MET A 25 8.79 -1.04 25.77
CA MET A 25 8.13 0.20 26.09
C MET A 25 9.18 1.34 26.02
N LYS A 26 8.98 2.25 25.07
CA LYS A 26 9.85 3.41 24.89
C LYS A 26 9.66 4.40 26.05
N LYS A 27 10.78 4.69 26.71
CA LYS A 27 10.73 5.40 27.97
C LYS A 27 11.01 6.90 27.85
N ARG A 28 11.62 7.33 26.76
CA ARG A 28 11.86 8.75 26.56
C ARG A 28 11.91 9.14 25.09
N GLY A 29 11.77 10.45 24.87
CA GLY A 29 11.83 11.03 23.54
C GLY A 29 10.61 10.72 22.69
N PHE A 30 10.78 10.89 21.38
CA PHE A 30 9.64 10.91 20.46
C PHE A 30 9.08 9.51 20.40
N GLY A 31 7.83 9.36 20.82
CA GLY A 31 7.21 8.06 20.91
C GLY A 31 7.28 7.34 22.26
N ALA A 32 7.76 8.02 23.30
CA ALA A 32 7.65 7.50 24.67
C ALA A 32 6.21 7.16 24.99
N GLY A 33 5.99 5.98 25.56
CA GLY A 33 4.66 5.57 26.01
C GLY A 33 4.03 4.50 25.14
N ARG A 34 4.69 4.17 24.03
CA ARG A 34 4.25 3.12 23.12
C ARG A 34 5.27 2.01 23.08
N TRP A 35 4.77 0.81 22.85
CA TRP A 35 5.56 -0.38 22.63
C TRP A 35 6.04 -0.40 21.15
N ASN A 36 7.30 -0.73 20.94
CA ASN A 36 7.82 -0.92 19.58
C ASN A 36 8.98 -1.88 19.60
N GLY A 37 9.42 -2.29 18.41
CA GLY A 37 10.63 -3.09 18.27
C GLY A 37 11.85 -2.30 18.69
N PHE A 38 13.01 -2.94 18.72
CA PHE A 38 14.23 -2.31 19.20
C PHE A 38 14.97 -1.67 18.01
N GLY A 39 15.44 -0.45 18.19
CA GLY A 39 16.13 0.23 17.11
C GLY A 39 16.32 1.72 17.34
N GLY A 40 16.62 2.41 16.25
CA GLY A 40 17.01 3.81 16.28
C GLY A 40 17.84 4.17 15.05
N LYS A 41 18.52 5.31 15.16
CA LYS A 41 19.27 5.87 14.08
C LYS A 41 20.51 5.07 13.77
N VAL A 42 20.75 4.87 12.48
CA VAL A 42 22.00 4.28 12.02
C VAL A 42 23.10 5.37 12.06
N GLN A 43 24.25 5.01 12.61
CA GLN A 43 25.33 5.98 12.75
C GLN A 43 26.30 5.94 11.57
N GLU A 44 27.06 7.01 11.44
CA GLU A 44 28.18 7.05 10.50
C GLU A 44 29.17 5.95 10.88
N GLY A 45 29.61 5.18 9.90
CA GLY A 45 30.66 4.19 10.12
C GLY A 45 30.17 2.80 10.49
N GLU A 46 28.85 2.56 10.52
CA GLU A 46 28.34 1.19 10.70
C GLU A 46 27.35 0.89 9.56
N THR A 47 27.23 -0.39 9.20
CA THR A 47 26.24 -0.84 8.22
C THR A 47 24.87 -0.76 8.90
N ILE A 48 23.81 -0.89 8.11
CA ILE A 48 22.45 -0.89 8.64
C ILE A 48 22.24 -2.10 9.62
N GLU A 49 22.65 -3.29 9.21
CA GLU A 49 22.54 -4.44 10.10
C GLU A 49 23.38 -4.28 11.41
N ASP A 50 24.60 -3.72 11.29
CA ASP A 50 25.44 -3.41 12.49
C ASP A 50 24.65 -2.50 13.42
N GLY A 51 24.04 -1.46 12.88
CA GLY A 51 23.30 -0.50 13.68
C GLY A 51 22.09 -1.14 14.35
N ALA A 52 21.44 -2.05 13.63
CA ALA A 52 20.31 -2.82 14.18
C ALA A 52 20.78 -3.65 15.39
N ARG A 53 21.87 -4.38 15.23
CA ARG A 53 22.45 -5.17 16.37
C ARG A 53 22.88 -4.27 17.54
N ARG A 54 23.56 -3.17 17.21
CA ARG A 54 24.02 -2.24 18.25
C ARG A 54 22.80 -1.76 19.04
N GLU A 55 21.73 -1.36 18.36
CA GLU A 55 20.58 -0.78 19.04
C GLU A 55 19.90 -1.83 19.92
N LEU A 56 19.74 -3.06 19.41
CA LEU A 56 19.12 -4.16 20.16
C LEU A 56 19.92 -4.40 21.47
N GLN A 57 21.24 -4.44 21.34
CA GLN A 57 22.11 -4.59 22.53
C GLN A 57 22.03 -3.46 23.54
N GLU A 58 22.14 -2.21 23.08
CA GLU A 58 22.01 -1.04 23.99
C GLU A 58 20.64 -1.04 24.70
N GLU A 59 19.60 -1.39 23.96
CA GLU A 59 18.22 -1.26 24.46
C GLU A 59 17.69 -2.45 25.27
N SER A 60 18.15 -3.66 24.98
CA SER A 60 17.70 -4.89 25.63
C SER A 60 18.80 -5.77 26.23
N GLY A 61 20.07 -5.46 25.97
CA GLY A 61 21.18 -6.35 26.29
C GLY A 61 21.36 -7.55 25.35
N LEU A 62 20.42 -7.81 24.44
CA LEU A 62 20.51 -9.03 23.64
C LEU A 62 21.49 -8.90 22.47
N THR A 63 22.15 -10.01 22.15
CA THR A 63 22.84 -10.19 20.88
C THR A 63 22.06 -11.29 20.15
N VAL A 64 22.28 -11.39 18.84
CA VAL A 64 21.66 -12.46 18.05
C VAL A 64 22.66 -13.10 17.10
N ASP A 65 22.34 -14.32 16.69
CA ASP A 65 23.14 -14.99 15.69
C ASP A 65 22.91 -14.35 14.31
N ALA A 66 21.66 -14.10 13.96
CA ALA A 66 21.33 -13.61 12.62
C ALA A 66 20.17 -12.63 12.67
N LEU A 67 20.18 -11.65 11.78
CA LEU A 67 19.03 -10.79 11.54
C LEU A 67 18.61 -11.04 10.11
N HIS A 68 17.32 -10.91 9.86
CA HIS A 68 16.73 -11.15 8.54
C HIS A 68 15.97 -9.91 8.13
N LYS A 69 16.21 -9.45 6.92
CA LYS A 69 15.51 -8.29 6.33
C LYS A 69 14.07 -8.68 6.05
N VAL A 70 13.11 -8.00 6.68
CA VAL A 70 11.69 -8.28 6.44
C VAL A 70 10.92 -7.13 5.83
N GLY A 71 11.40 -5.89 5.96
CA GLY A 71 10.66 -4.77 5.39
C GLY A 71 11.38 -3.44 5.39
N GLN A 72 10.77 -2.50 4.68
CA GLN A 72 11.23 -1.12 4.67
C GLN A 72 10.01 -0.24 4.81
N ILE A 73 10.08 0.72 5.72
CA ILE A 73 9.00 1.69 5.88
C ILE A 73 9.56 3.08 5.80
N VAL A 74 8.93 3.92 4.97
CA VAL A 74 9.25 5.33 4.93
C VAL A 74 8.20 6.09 5.71
N PHE A 75 8.63 6.95 6.63
CA PHE A 75 7.70 7.82 7.36
C PHE A 75 7.92 9.28 6.97
N GLU A 76 6.81 10.00 6.71
CA GLU A 76 6.79 11.46 6.63
C GLU A 76 5.97 11.95 7.81
N PHE A 77 6.50 12.96 8.50
CA PHE A 77 5.74 13.71 9.48
C PHE A 77 5.52 15.10 8.92
N VAL A 78 4.26 15.53 8.91
CA VAL A 78 3.94 16.84 8.42
C VAL A 78 4.76 17.89 9.19
N GLY A 79 5.32 18.84 8.44
CA GLY A 79 6.15 19.90 8.99
C GLY A 79 7.59 19.51 9.29
N GLU A 80 7.95 18.24 9.15
CA GLU A 80 9.31 17.76 9.44
C GLU A 80 10.04 17.53 8.08
N PRO A 81 11.17 18.25 7.84
CA PRO A 81 11.82 18.14 6.53
C PRO A 81 12.40 16.77 6.18
N GLU A 82 12.94 16.08 7.19
CA GLU A 82 13.58 14.80 7.00
C GLU A 82 12.58 13.63 7.01
N LEU A 83 12.69 12.74 6.03
CA LEU A 83 11.92 11.50 6.01
C LEU A 83 12.66 10.45 6.84
N MET A 84 11.90 9.52 7.42
CA MET A 84 12.50 8.40 8.14
C MET A 84 12.49 7.20 7.21
N ASP A 85 13.69 6.60 7.01
CA ASP A 85 13.84 5.42 6.19
C ASP A 85 14.15 4.28 7.13
N VAL A 86 13.13 3.49 7.47
CA VAL A 86 13.23 2.45 8.46
C VAL A 86 13.41 1.08 7.87
N HIS A 87 14.51 0.42 8.24
CA HIS A 87 14.81 -0.94 7.83
C HIS A 87 14.40 -1.89 8.91
N VAL A 88 13.51 -2.82 8.57
CA VAL A 88 12.89 -3.70 9.57
C VAL A 88 13.55 -5.04 9.43
N PHE A 89 13.96 -5.59 10.58
CA PHE A 89 14.49 -6.93 10.66
C PHE A 89 13.72 -7.82 11.62
N CYS A 90 13.86 -9.13 11.43
N CYS A 90 13.86 -9.13 11.41
CA CYS A 90 13.38 -10.10 12.41
CA CYS A 90 13.37 -10.18 12.31
C CYS A 90 14.45 -11.13 12.73
C CYS A 90 14.52 -11.04 12.77
N THR A 91 14.31 -11.71 13.90
CA THR A 91 15.27 -12.71 14.42
C THR A 91 14.54 -13.66 15.34
N ASP A 92 15.00 -14.90 15.36
CA ASP A 92 14.60 -15.91 16.33
C ASP A 92 15.86 -16.59 16.83
N SER A 93 16.92 -15.83 17.06
CA SER A 93 18.17 -16.45 17.53
C SER A 93 18.81 -15.60 18.60
N ILE A 94 17.99 -15.20 19.59
CA ILE A 94 18.52 -14.33 20.64
C ILE A 94 19.46 -15.11 21.54
N GLN A 95 20.47 -14.40 22.00
CA GLN A 95 21.50 -14.89 22.85
C GLN A 95 21.39 -13.97 24.04
N GLY A 96 20.93 -14.55 25.14
CA GLY A 96 20.72 -13.86 26.41
C GLY A 96 19.26 -13.72 26.80
N THR A 97 19.06 -13.03 27.93
CA THR A 97 17.73 -12.71 28.46
CA THR A 97 17.73 -12.72 28.45
C THR A 97 17.57 -11.19 28.39
N PRO A 98 16.41 -10.72 27.90
CA PRO A 98 16.32 -9.28 27.78
C PRO A 98 16.28 -8.52 29.11
N VAL A 99 16.87 -7.33 29.16
CA VAL A 99 16.79 -6.48 30.36
C VAL A 99 16.52 -5.03 30.01
N GLU A 100 15.91 -4.33 30.96
CA GLU A 100 15.51 -2.95 30.81
C GLU A 100 16.75 -2.06 30.71
N SER A 101 16.66 -1.05 29.85
CA SER A 101 17.68 -0.05 29.62
C SER A 101 17.05 1.28 29.94
N ASP A 102 17.85 2.35 29.88
CA ASP A 102 17.36 3.75 29.89
C ASP A 102 16.26 4.05 28.87
N GLU A 103 16.38 3.46 27.69
CA GLU A 103 15.50 3.76 26.56
C GLU A 103 14.24 2.87 26.50
N MET A 104 14.37 1.60 26.90
CA MET A 104 13.35 0.59 26.65
C MET A 104 13.14 -0.37 27.83
N ARG A 105 11.88 -0.72 28.06
CA ARG A 105 11.49 -1.75 29.04
C ARG A 105 10.91 -2.92 28.25
N PRO A 106 11.66 -4.02 28.15
CA PRO A 106 11.19 -5.11 27.30
C PRO A 106 10.23 -6.06 27.97
N CYS A 107 9.32 -6.59 27.16
CA CYS A 107 8.37 -7.60 27.62
CA CYS A 107 8.35 -7.56 27.62
C CYS A 107 7.97 -8.50 26.45
N TRP A 108 7.73 -9.76 26.77
CA TRP A 108 7.21 -10.73 25.82
C TRP A 108 5.70 -10.60 25.68
N PHE A 109 5.19 -10.74 24.44
CA PHE A 109 3.76 -10.75 24.16
C PHE A 109 3.40 -11.96 23.32
N GLN A 110 2.33 -12.64 23.71
CA GLN A 110 1.71 -13.68 22.91
C GLN A 110 1.19 -13.04 21.64
N LEU A 111 1.22 -13.84 20.57
CA LEU A 111 0.96 -13.34 19.23
C LEU A 111 -0.49 -12.91 19.05
N ASP A 112 -1.41 -13.47 19.84
CA ASP A 112 -2.79 -12.99 19.90
C ASP A 112 -3.05 -11.93 20.99
N GLN A 113 -2.00 -11.39 21.62
CA GLN A 113 -2.12 -10.34 22.63
C GLN A 113 -1.14 -9.16 22.35
N ILE A 114 -0.90 -8.92 21.07
CA ILE A 114 -0.08 -7.82 20.66
C ILE A 114 -0.80 -6.50 21.02
N PRO A 115 -0.10 -5.57 21.68
CA PRO A 115 -0.82 -4.46 22.26
C PRO A 115 -0.98 -3.28 21.27
N PHE A 116 -1.69 -3.54 20.18
CA PHE A 116 -1.80 -2.60 19.09
C PHE A 116 -2.31 -1.22 19.51
N LYS A 117 -3.21 -1.14 20.49
CA LYS A 117 -3.74 0.17 20.93
CA LYS A 117 -3.75 0.15 20.96
C LYS A 117 -2.67 1.02 21.64
N ASP A 118 -1.60 0.39 22.12
CA ASP A 118 -0.48 1.12 22.75
C ASP A 118 0.82 1.05 21.87
N MET A 119 0.62 0.86 20.57
CA MET A 119 1.68 0.88 19.54
C MET A 119 1.41 1.99 18.54
N TRP A 120 2.38 2.25 17.66
CA TRP A 120 2.19 3.20 16.58
C TRP A 120 1.04 2.72 15.68
N PRO A 121 0.16 3.61 15.22
CA PRO A 121 -0.97 3.09 14.42
C PRO A 121 -0.59 2.39 13.13
N ASP A 122 0.52 2.75 12.50
CA ASP A 122 0.99 2.00 11.32
C ASP A 122 1.27 0.53 11.57
N ASP A 123 1.67 0.16 12.80
CA ASP A 123 1.94 -1.25 13.13
C ASP A 123 0.73 -2.16 12.92
N SER A 124 -0.49 -1.61 13.08
CA SER A 124 -1.71 -2.38 12.78
C SER A 124 -1.79 -2.83 11.33
N TYR A 125 -1.10 -2.16 10.42
CA TYR A 125 -1.09 -2.49 8.98
C TYR A 125 0.00 -3.47 8.61
N TRP A 126 1.22 -3.22 9.08
CA TRP A 126 2.35 -4.02 8.60
C TRP A 126 2.76 -5.17 9.50
N PHE A 127 2.53 -5.03 10.82
CA PHE A 127 2.88 -6.11 11.76
C PHE A 127 2.25 -7.45 11.38
N PRO A 128 0.97 -7.46 10.92
CA PRO A 128 0.45 -8.75 10.47
C PRO A 128 1.24 -9.40 9.31
N LEU A 129 1.81 -8.58 8.42
CA LEU A 129 2.62 -9.12 7.30
C LEU A 129 3.93 -9.75 7.83
N LEU A 130 4.54 -9.10 8.81
CA LEU A 130 5.69 -9.70 9.52
C LEU A 130 5.33 -11.04 10.16
N LEU A 131 4.17 -11.12 10.82
CA LEU A 131 3.70 -12.34 11.47
C LEU A 131 3.45 -13.45 10.49
N GLN A 132 2.98 -13.07 9.30
CA GLN A 132 2.75 -13.99 8.21
C GLN A 132 4.02 -14.29 7.38
N LYS A 133 5.16 -13.75 7.77
CA LYS A 133 6.42 -14.04 7.09
C LYS A 133 6.43 -13.52 5.64
N LYS A 134 5.79 -12.36 5.44
CA LYS A 134 5.74 -11.69 4.14
C LYS A 134 6.63 -10.48 4.20
N LYS A 135 7.47 -10.28 3.19
CA LYS A 135 8.33 -9.10 3.09
C LYS A 135 7.51 -7.96 2.53
N PHE A 136 7.75 -6.72 3.00
CA PHE A 136 6.94 -5.56 2.61
C PHE A 136 7.67 -4.22 2.47
N HIS A 137 7.03 -3.30 1.76
CA HIS A 137 7.45 -1.90 1.65
C HIS A 137 6.23 -1.08 2.02
N GLY A 138 6.45 -0.14 2.92
CA GLY A 138 5.39 0.70 3.43
C GLY A 138 5.77 2.14 3.35
N TYR A 139 4.76 3.00 3.20
CA TYR A 139 4.90 4.43 3.32
C TYR A 139 3.77 4.94 4.19
N PHE A 140 4.06 5.69 5.25
CA PHE A 140 2.99 6.30 6.06
C PHE A 140 3.29 7.78 6.28
N LYS A 141 2.29 8.63 5.99
CA LYS A 141 2.37 10.05 6.21
C LYS A 141 1.54 10.39 7.45
N PHE A 142 2.20 10.99 8.45
CA PHE A 142 1.59 11.29 9.74
C PHE A 142 1.35 12.79 9.91
N GLN A 143 0.23 13.15 10.51
CA GLN A 143 0.02 14.46 11.12
C GLN A 143 0.13 14.20 12.62
N GLY A 144 1.25 14.65 13.20
CA GLY A 144 1.53 14.44 14.61
C GLY A 144 1.74 12.96 14.84
N GLN A 145 1.51 12.48 16.05
CA GLN A 145 1.79 11.09 16.42
C GLN A 145 0.64 10.08 16.29
N ASP A 146 -0.59 10.56 16.05
CA ASP A 146 -1.79 9.70 16.05
C ASP A 146 -2.53 9.48 14.70
N THR A 147 -2.32 10.37 13.73
CA THR A 147 -3.13 10.41 12.51
C THR A 147 -2.33 10.08 11.27
N ILE A 148 -2.66 8.95 10.66
CA ILE A 148 -2.16 8.59 9.37
C ILE A 148 -3.03 9.26 8.28
N LEU A 149 -2.40 10.12 7.48
CA LEU A 149 -3.13 10.87 6.45
C LEU A 149 -3.15 10.09 5.13
N ASP A 150 -1.99 9.59 4.76
CA ASP A 150 -1.83 8.76 3.59
C ASP A 150 -0.97 7.55 3.98
N TYR A 151 -1.19 6.43 3.28
CA TYR A 151 -0.26 5.32 3.35
C TYR A 151 -0.29 4.44 2.10
N THR A 152 0.83 3.78 1.84
CA THR A 152 0.86 2.64 0.93
C THR A 152 1.53 1.43 1.57
N LEU A 153 1.17 0.26 1.09
CA LEU A 153 1.72 -0.98 1.63
C LEU A 153 1.60 -2.07 0.60
N ARG A 154 2.71 -2.69 0.25
CA ARG A 154 2.66 -3.88 -0.60
C ARG A 154 3.70 -4.87 -0.15
N GLU A 155 3.55 -6.08 -0.68
CA GLU A 155 4.51 -7.15 -0.43
C GLU A 155 5.56 -7.08 -1.54
N VAL A 156 6.78 -7.46 -1.17
CA VAL A 156 7.90 -7.48 -2.09
C VAL A 156 8.59 -8.82 -2.05
N ASP A 157 9.32 -9.11 -3.13
CA ASP A 157 10.23 -10.23 -3.17
C ASP A 157 11.60 -9.85 -2.63
N THR A 158 12.00 -8.58 -2.78
CA THR A 158 13.30 -8.08 -2.31
C THR A 158 13.06 -6.84 -1.47
N VAL A 159 13.52 -6.90 -0.22
CA VAL A 159 13.36 -5.77 0.70
C VAL A 159 14.26 -4.62 0.25
N ALA B 6 -22.28 5.76 2.17
CA ALA B 6 -23.25 6.09 1.09
C ALA B 6 -22.50 6.09 -0.24
N SER B 7 -22.70 5.04 -1.03
CA SER B 7 -21.93 4.84 -2.22
C SER B 7 -22.70 4.18 -3.34
N ARG B 8 -22.11 4.20 -4.51
CA ARG B 8 -22.68 3.63 -5.71
C ARG B 8 -21.62 2.82 -6.41
N LEU B 9 -22.02 1.66 -6.90
CA LEU B 9 -21.13 0.75 -7.61
C LEU B 9 -20.79 1.18 -9.07
N TYR B 10 -19.51 1.03 -9.41
CA TYR B 10 -18.99 1.27 -10.75
C TYR B 10 -18.01 0.16 -11.09
N THR B 11 -17.81 -0.04 -12.40
CA THR B 11 -16.81 -0.95 -12.94
C THR B 11 -15.73 -0.22 -13.72
N LEU B 12 -14.57 -0.85 -13.80
CA LEU B 12 -13.43 -0.35 -14.54
C LEU B 12 -12.68 -1.56 -15.06
N VAL B 13 -12.55 -1.62 -16.38
CA VAL B 13 -11.98 -2.77 -17.06
C VAL B 13 -10.74 -2.33 -17.85
N LEU B 14 -9.62 -3.00 -17.58
CA LEU B 14 -8.33 -2.75 -18.23
C LEU B 14 -8.01 -3.98 -19.05
N VAL B 15 -7.92 -3.86 -20.38
CA VAL B 15 -7.53 -4.98 -21.24
C VAL B 15 -6.03 -4.91 -21.27
N LEU B 16 -5.40 -5.86 -20.61
CA LEU B 16 -3.99 -5.81 -20.36
C LEU B 16 -3.40 -7.09 -20.89
N GLN B 17 -2.59 -6.93 -21.94
CA GLN B 17 -1.95 -8.04 -22.63
C GLN B 17 -0.49 -7.98 -22.22
N PRO B 18 0.34 -8.93 -22.69
CA PRO B 18 1.74 -8.94 -22.27
C PRO B 18 2.52 -7.64 -22.46
N GLN B 19 2.35 -6.98 -23.60
CA GLN B 19 3.14 -5.78 -23.93
C GLN B 19 2.29 -4.51 -24.19
N ARG B 20 0.99 -4.53 -23.93
CA ARG B 20 0.15 -3.36 -24.22
C ARG B 20 -1.17 -3.32 -23.45
N VAL B 21 -1.72 -2.12 -23.31
CA VAL B 21 -3.01 -1.88 -22.62
C VAL B 21 -3.99 -1.06 -23.47
N LEU B 22 -5.26 -1.46 -23.52
CA LEU B 22 -6.28 -0.70 -24.23
C LEU B 22 -6.91 0.28 -23.24
N LEU B 23 -6.93 1.56 -23.60
CA LEU B 23 -7.71 2.55 -22.87
C LEU B 23 -8.72 3.17 -23.81
N GLY B 24 -9.63 3.97 -23.26
CA GLY B 24 -10.65 4.66 -24.07
C GLY B 24 -10.62 6.14 -23.75
N MET B 25 -10.56 6.97 -24.80
CA MET B 25 -10.72 8.42 -24.66
C MET B 25 -12.19 8.65 -24.33
N LYS B 26 -12.48 9.13 -23.13
CA LYS B 26 -13.86 9.40 -22.72
C LYS B 26 -14.36 10.62 -23.50
N LYS B 27 -15.41 10.43 -24.28
CA LYS B 27 -15.87 11.44 -25.25
C LYS B 27 -16.84 12.49 -24.71
N ARG B 28 -17.56 12.21 -23.62
CA ARG B 28 -18.46 13.19 -23.01
C ARG B 28 -18.73 12.93 -21.51
N GLY B 29 -19.36 13.91 -20.87
CA GLY B 29 -19.69 13.86 -19.45
C GLY B 29 -18.50 14.10 -18.53
N PHE B 30 -18.70 13.76 -17.27
CA PHE B 30 -17.72 13.93 -16.19
C PHE B 30 -16.47 13.08 -16.45
N GLY B 31 -15.32 13.76 -16.60
CA GLY B 31 -14.06 13.13 -17.00
C GLY B 31 -13.75 13.03 -18.49
N ALA B 32 -14.59 13.62 -19.36
CA ALA B 32 -14.31 13.65 -20.81
C ALA B 32 -12.96 14.29 -21.08
N GLY B 33 -12.23 13.78 -22.07
CA GLY B 33 -10.90 14.30 -22.38
C GLY B 33 -9.77 13.67 -21.57
N ARG B 34 -10.10 12.62 -20.82
CA ARG B 34 -9.10 11.74 -20.23
C ARG B 34 -9.28 10.32 -20.78
N TRP B 35 -8.17 9.58 -20.74
CA TRP B 35 -8.13 8.17 -21.08
C TRP B 35 -8.44 7.36 -19.84
N ASN B 36 -9.18 6.28 -20.00
CA ASN B 36 -9.43 5.37 -18.86
C ASN B 36 -9.88 4.01 -19.31
N GLY B 37 -9.98 3.09 -18.36
CA GLY B 37 -10.48 1.77 -18.64
C GLY B 37 -11.97 1.90 -19.01
N PHE B 38 -12.55 0.79 -19.40
CA PHE B 38 -13.93 0.76 -19.87
C PHE B 38 -14.77 0.44 -18.65
N GLY B 39 -15.90 1.11 -18.51
CA GLY B 39 -16.81 0.84 -17.44
C GLY B 39 -17.82 1.96 -17.22
N GLY B 40 -18.46 1.89 -16.06
CA GLY B 40 -19.47 2.86 -15.65
C GLY B 40 -20.32 2.34 -14.51
N LYS B 41 -21.51 2.92 -14.35
CA LYS B 41 -22.43 2.53 -13.29
C LYS B 41 -22.91 1.08 -13.42
N VAL B 42 -23.14 0.45 -12.28
CA VAL B 42 -23.70 -0.90 -12.27
C VAL B 42 -25.19 -0.74 -12.10
N GLN B 43 -25.94 -1.51 -12.86
CA GLN B 43 -27.38 -1.41 -12.87
C GLN B 43 -28.05 -2.34 -11.85
N GLU B 44 -29.27 -1.96 -11.46
CA GLU B 44 -30.15 -2.87 -10.70
C GLU B 44 -30.37 -4.12 -11.53
N GLY B 45 -30.20 -5.30 -10.92
CA GLY B 45 -30.54 -6.55 -11.58
C GLY B 45 -29.45 -7.21 -12.41
N GLU B 46 -28.20 -6.71 -12.32
CA GLU B 46 -27.00 -7.36 -12.93
C GLU B 46 -25.91 -7.47 -11.87
N THR B 47 -25.06 -8.48 -11.98
CA THR B 47 -23.91 -8.64 -11.13
C THR B 47 -22.90 -7.54 -11.48
N ILE B 48 -21.97 -7.28 -10.59
CA ILE B 48 -20.89 -6.33 -10.85
C ILE B 48 -20.12 -6.71 -12.11
N GLU B 49 -19.77 -7.98 -12.25
CA GLU B 49 -19.00 -8.44 -13.39
C GLU B 49 -19.85 -8.31 -14.68
N ASP B 50 -21.13 -8.64 -14.60
CA ASP B 50 -22.03 -8.47 -15.78
C ASP B 50 -22.03 -7.03 -16.25
N GLY B 51 -22.04 -6.13 -15.28
CA GLY B 51 -22.03 -4.72 -15.55
C GLY B 51 -20.74 -4.33 -16.24
N ALA B 52 -19.60 -4.85 -15.75
CA ALA B 52 -18.33 -4.61 -16.42
C ALA B 52 -18.36 -5.07 -17.90
N ARG B 53 -18.83 -6.29 -18.14
CA ARG B 53 -18.92 -6.84 -19.46
C ARG B 53 -19.86 -5.98 -20.31
N ARG B 54 -21.02 -5.60 -19.77
CA ARG B 54 -21.95 -4.75 -20.54
C ARG B 54 -21.31 -3.42 -20.96
N GLU B 55 -20.59 -2.77 -20.04
CA GLU B 55 -19.98 -1.48 -20.32
C GLU B 55 -18.83 -1.60 -21.33
N LEU B 56 -18.09 -2.72 -21.25
CA LEU B 56 -16.97 -2.99 -22.15
C LEU B 56 -17.46 -3.18 -23.57
N GLN B 57 -18.57 -3.91 -23.72
CA GLN B 57 -19.18 -4.09 -25.04
C GLN B 57 -19.79 -2.79 -25.59
N GLU B 58 -20.51 -2.01 -24.77
CA GLU B 58 -21.10 -0.71 -25.20
C GLU B 58 -20.01 0.24 -25.71
N GLU B 59 -18.92 0.31 -24.97
CA GLU B 59 -17.93 1.34 -25.17
C GLU B 59 -16.87 0.99 -26.20
N SER B 60 -16.63 -0.31 -26.41
CA SER B 60 -15.57 -0.80 -27.29
C SER B 60 -15.99 -1.86 -28.31
N GLY B 61 -17.21 -2.40 -28.18
CA GLY B 61 -17.63 -3.56 -28.95
C GLY B 61 -17.06 -4.88 -28.49
N LEU B 62 -16.17 -4.92 -27.49
CA LEU B 62 -15.47 -6.17 -27.14
C LEU B 62 -16.27 -7.07 -26.20
N THR B 63 -16.13 -8.38 -26.38
CA THR B 63 -16.55 -9.37 -25.40
C THR B 63 -15.30 -10.11 -24.96
N VAL B 64 -15.39 -10.79 -23.82
CA VAL B 64 -14.25 -11.55 -23.29
C VAL B 64 -14.69 -12.91 -22.77
N ASP B 65 -13.76 -13.86 -22.77
CA ASP B 65 -13.96 -15.16 -22.18
C ASP B 65 -14.00 -15.05 -20.64
N ALA B 66 -13.14 -14.21 -20.06
CA ALA B 66 -13.00 -14.14 -18.59
C ALA B 66 -12.51 -12.77 -18.14
N LEU B 67 -13.15 -12.24 -17.10
CA LEU B 67 -12.68 -11.04 -16.42
C LEU B 67 -12.13 -11.46 -15.07
N HIS B 68 -11.00 -10.87 -14.67
CA HIS B 68 -10.36 -11.16 -13.39
C HIS B 68 -10.46 -9.94 -12.48
N LYS B 69 -10.88 -10.15 -11.24
CA LYS B 69 -10.95 -9.06 -10.27
C LYS B 69 -9.53 -8.69 -9.91
N VAL B 70 -9.20 -7.41 -10.00
CA VAL B 70 -7.87 -6.95 -9.59
C VAL B 70 -7.86 -5.93 -8.47
N GLY B 71 -8.90 -5.14 -8.35
CA GLY B 71 -8.94 -4.19 -7.25
C GLY B 71 -10.29 -3.60 -6.93
N GLN B 72 -10.30 -2.86 -5.82
CA GLN B 72 -11.42 -2.01 -5.43
C GLN B 72 -10.84 -0.65 -5.13
N ILE B 73 -11.40 0.40 -5.74
CA ILE B 73 -11.01 1.76 -5.43
C ILE B 73 -12.25 2.55 -5.04
N VAL B 74 -12.19 3.23 -3.91
CA VAL B 74 -13.24 4.16 -3.51
C VAL B 74 -12.75 5.59 -3.82
N PHE B 75 -13.57 6.37 -4.52
CA PHE B 75 -13.32 7.79 -4.74
C PHE B 75 -14.35 8.63 -3.97
N GLU B 76 -13.87 9.65 -3.28
CA GLU B 76 -14.70 10.58 -2.53
C GLU B 76 -14.37 11.96 -3.06
N PHE B 77 -15.36 12.69 -3.55
CA PHE B 77 -15.12 14.06 -4.05
C PHE B 77 -15.67 15.07 -3.08
N VAL B 78 -14.87 16.08 -2.74
CA VAL B 78 -15.32 17.15 -1.84
C VAL B 78 -16.58 17.73 -2.44
N GLY B 79 -17.58 17.96 -1.58
CA GLY B 79 -18.89 18.49 -2.00
C GLY B 79 -19.93 17.46 -2.44
N GLU B 80 -19.51 16.21 -2.67
CA GLU B 80 -20.37 15.14 -3.20
C GLU B 80 -20.56 14.06 -2.12
N PRO B 81 -21.80 13.89 -1.60
CA PRO B 81 -21.97 12.93 -0.49
C PRO B 81 -21.85 11.46 -0.87
N GLU B 82 -22.12 11.14 -2.13
CA GLU B 82 -22.03 9.77 -2.61
C GLU B 82 -20.59 9.39 -2.98
N LEU B 83 -20.06 8.32 -2.39
CA LEU B 83 -18.79 7.76 -2.81
C LEU B 83 -18.94 6.88 -4.06
N MET B 84 -17.92 6.83 -4.90
CA MET B 84 -17.85 5.85 -5.99
C MET B 84 -17.10 4.63 -5.48
N ASP B 85 -17.75 3.46 -5.56
CA ASP B 85 -17.18 2.19 -5.14
C ASP B 85 -16.85 1.47 -6.43
N VAL B 86 -15.59 1.58 -6.87
CA VAL B 86 -15.19 1.10 -8.20
C VAL B 86 -14.52 -0.26 -8.10
N HIS B 87 -15.10 -1.24 -8.78
CA HIS B 87 -14.53 -2.59 -8.91
C HIS B 87 -13.76 -2.68 -10.22
N VAL B 88 -12.47 -2.99 -10.08
CA VAL B 88 -11.53 -3.00 -11.17
C VAL B 88 -11.32 -4.44 -11.58
N PHE B 89 -11.37 -4.63 -12.90
CA PHE B 89 -11.12 -5.90 -13.51
C PHE B 89 -10.00 -5.81 -14.54
N CYS B 90 -9.49 -6.99 -14.88
CA CYS B 90 -8.48 -7.12 -15.88
CA CYS B 90 -8.50 -7.08 -15.96
C CYS B 90 -8.75 -8.33 -16.82
N THR B 91 -8.33 -8.22 -18.08
CA THR B 91 -8.45 -9.32 -19.04
C THR B 91 -7.32 -9.28 -20.08
N ASP B 92 -6.88 -10.46 -20.49
CA ASP B 92 -6.05 -10.66 -21.68
C ASP B 92 -6.88 -11.29 -22.80
N SER B 93 -8.07 -11.84 -22.50
CA SER B 93 -8.85 -12.75 -23.42
C SER B 93 -9.89 -12.17 -24.42
N ILE B 94 -9.52 -11.08 -25.11
CA ILE B 94 -10.54 -10.33 -25.89
C ILE B 94 -11.05 -11.12 -27.11
N GLN B 95 -12.37 -11.08 -27.29
CA GLN B 95 -13.03 -11.66 -28.46
C GLN B 95 -13.36 -10.49 -29.36
N GLY B 96 -12.89 -10.58 -30.60
CA GLY B 96 -13.07 -9.53 -31.58
C GLY B 96 -12.01 -8.45 -31.50
N THR B 97 -12.28 -7.36 -32.21
CA THR B 97 -11.35 -6.26 -32.42
C THR B 97 -12.04 -4.97 -31.95
N PRO B 98 -11.33 -4.09 -31.22
CA PRO B 98 -12.06 -2.99 -30.60
C PRO B 98 -12.46 -1.92 -31.63
N VAL B 99 -13.64 -1.32 -31.43
CA VAL B 99 -14.08 -0.17 -32.24
C VAL B 99 -14.60 1.00 -31.41
N GLU B 100 -14.65 2.17 -32.05
CA GLU B 100 -15.14 3.37 -31.41
C GLU B 100 -16.63 3.26 -31.19
N SER B 101 -17.06 3.67 -30.01
CA SER B 101 -18.47 3.77 -29.66
C SER B 101 -18.76 5.23 -29.57
N ASP B 102 -20.02 5.53 -29.28
CA ASP B 102 -20.41 6.88 -28.92
C ASP B 102 -19.73 7.42 -27.66
N GLU B 103 -19.46 6.54 -26.69
N GLU B 103 -19.47 6.55 -26.67
CA GLU B 103 -18.95 6.95 -25.38
CA GLU B 103 -18.93 6.98 -25.37
C GLU B 103 -17.41 7.01 -25.26
C GLU B 103 -17.40 7.03 -25.29
N MET B 104 -16.72 6.12 -25.99
CA MET B 104 -15.28 5.92 -25.82
C MET B 104 -14.66 5.62 -27.18
N ARG B 105 -13.45 6.11 -27.39
CA ARG B 105 -12.63 5.71 -28.54
C ARG B 105 -11.45 4.85 -28.04
N PRO B 106 -11.47 3.53 -28.34
CA PRO B 106 -10.36 2.69 -27.86
C PRO B 106 -9.08 2.94 -28.62
N CYS B 107 -7.98 2.58 -28.00
CA CYS B 107 -6.68 2.77 -28.61
C CYS B 107 -5.65 2.04 -27.75
N TRP B 108 -4.85 1.19 -28.38
CA TRP B 108 -3.80 0.43 -27.68
C TRP B 108 -2.61 1.33 -27.29
N PHE B 109 -2.04 1.06 -26.11
CA PHE B 109 -0.81 1.75 -25.67
C PHE B 109 0.20 0.72 -25.23
N GLN B 110 1.41 0.86 -25.78
CA GLN B 110 2.54 0.10 -25.26
C GLN B 110 2.71 0.52 -23.80
N LEU B 111 3.21 -0.41 -23.00
CA LEU B 111 3.23 -0.21 -21.56
C LEU B 111 4.18 0.91 -21.12
N ASP B 112 5.22 1.18 -21.90
CA ASP B 112 6.12 2.31 -21.63
C ASP B 112 5.56 3.67 -22.10
N GLN B 113 4.33 3.66 -22.64
CA GLN B 113 3.70 4.86 -23.19
C GLN B 113 2.23 5.00 -22.72
N ILE B 114 1.97 4.53 -21.52
CA ILE B 114 0.67 4.73 -20.85
C ILE B 114 0.57 6.24 -20.58
N PRO B 115 -0.53 6.90 -21.03
CA PRO B 115 -0.52 8.38 -21.07
C PRO B 115 -1.05 9.04 -19.77
N PHE B 116 -0.28 8.92 -18.69
CA PHE B 116 -0.70 9.33 -17.34
C PHE B 116 -1.05 10.78 -17.17
N LYS B 117 -0.47 11.63 -18.00
CA LYS B 117 -0.69 13.04 -17.93
C LYS B 117 -2.13 13.37 -18.29
N ASP B 118 -2.73 12.54 -19.13
CA ASP B 118 -4.14 12.71 -19.56
C ASP B 118 -5.03 11.53 -19.09
N MET B 119 -4.71 11.03 -17.90
CA MET B 119 -5.51 10.09 -17.17
C MET B 119 -5.81 10.70 -15.82
N TRP B 120 -6.77 10.14 -15.10
CA TRP B 120 -7.04 10.53 -13.70
C TRP B 120 -5.75 10.39 -12.88
N PRO B 121 -5.51 11.35 -11.97
CA PRO B 121 -4.22 11.32 -11.26
C PRO B 121 -3.98 10.11 -10.33
N ASP B 122 -5.05 9.52 -9.81
CA ASP B 122 -4.91 8.28 -9.07
C ASP B 122 -4.24 7.12 -9.83
N ASP B 123 -4.39 7.09 -11.16
CA ASP B 123 -3.91 5.97 -11.97
C ASP B 123 -2.40 5.75 -11.84
N SER B 124 -1.63 6.81 -11.71
CA SER B 124 -0.19 6.64 -11.55
C SER B 124 0.16 5.92 -10.20
N TYR B 125 -0.72 5.97 -9.19
CA TYR B 125 -0.54 5.24 -7.92
C TYR B 125 -0.77 3.76 -8.05
N TRP B 126 -1.87 3.36 -8.71
CA TRP B 126 -2.27 1.97 -8.67
C TRP B 126 -1.91 1.15 -9.92
N PHE B 127 -1.63 1.81 -11.03
CA PHE B 127 -1.15 1.11 -12.23
C PHE B 127 0.07 0.26 -12.02
N PRO B 128 1.05 0.75 -11.23
CA PRO B 128 2.20 -0.13 -10.96
C PRO B 128 1.76 -1.49 -10.35
N LEU B 129 0.75 -1.47 -9.48
CA LEU B 129 0.24 -2.71 -8.90
C LEU B 129 -0.45 -3.58 -9.94
N LEU B 130 -1.29 -2.97 -10.77
CA LEU B 130 -1.93 -3.70 -11.88
C LEU B 130 -0.89 -4.39 -12.73
N LEU B 131 0.16 -3.67 -13.11
CA LEU B 131 1.19 -4.22 -13.99
C LEU B 131 2.00 -5.35 -13.34
N GLN B 132 2.14 -5.31 -12.01
CA GLN B 132 2.77 -6.42 -11.26
C GLN B 132 1.86 -7.64 -11.01
N LYS B 133 0.62 -7.61 -11.51
CA LYS B 133 -0.41 -8.65 -11.28
C LYS B 133 -0.74 -8.78 -9.79
N LYS B 134 -0.78 -7.64 -9.10
CA LYS B 134 -1.07 -7.57 -7.69
C LYS B 134 -2.52 -7.08 -7.53
N LYS B 135 -3.18 -7.58 -6.51
CA LYS B 135 -4.53 -7.12 -6.16
C LYS B 135 -4.43 -6.01 -5.16
N PHE B 136 -5.37 -5.07 -5.21
CA PHE B 136 -5.28 -3.91 -4.35
C PHE B 136 -6.61 -3.33 -3.88
N HIS B 137 -6.54 -2.63 -2.75
CA HIS B 137 -7.64 -1.79 -2.28
C HIS B 137 -7.11 -0.37 -2.20
N GLY B 138 -7.84 0.58 -2.79
CA GLY B 138 -7.41 1.96 -2.81
C GLY B 138 -8.51 2.90 -2.38
N TYR B 139 -8.09 4.05 -1.87
CA TYR B 139 -9.03 5.10 -1.48
C TYR B 139 -8.39 6.40 -1.93
N PHE B 140 -9.15 7.28 -2.60
CA PHE B 140 -8.64 8.62 -2.92
C PHE B 140 -9.71 9.66 -2.70
N LYS B 141 -9.33 10.73 -2.04
CA LYS B 141 -10.19 11.87 -1.80
C LYS B 141 -9.73 12.98 -2.74
N PHE B 142 -10.68 13.46 -3.53
CA PHE B 142 -10.43 14.44 -4.58
C PHE B 142 -11.06 15.77 -4.22
N GLN B 143 -10.34 16.84 -4.57
CA GLN B 143 -10.90 18.18 -4.59
C GLN B 143 -10.94 18.63 -6.04
N GLY B 144 -12.12 18.57 -6.64
CA GLY B 144 -12.23 18.76 -8.08
C GLY B 144 -11.63 17.58 -8.81
N GLN B 145 -11.36 17.74 -10.09
CA GLN B 145 -10.93 16.61 -10.93
C GLN B 145 -9.39 16.44 -10.99
N ASP B 146 -8.64 17.42 -10.47
CA ASP B 146 -7.18 17.43 -10.58
C ASP B 146 -6.38 17.18 -9.31
N THR B 147 -7.01 17.28 -8.15
CA THR B 147 -6.30 17.36 -6.89
C THR B 147 -6.66 16.21 -5.95
N ILE B 148 -5.71 15.34 -5.68
CA ILE B 148 -5.85 14.32 -4.64
C ILE B 148 -5.46 14.95 -3.31
N LEU B 149 -6.39 14.99 -2.37
CA LEU B 149 -6.11 15.55 -1.03
C LEU B 149 -5.40 14.54 -0.13
N ASP B 150 -5.81 13.29 -0.22
CA ASP B 150 -5.20 12.20 0.53
C ASP B 150 -5.59 10.85 -0.07
N TYR B 151 -4.87 9.80 0.30
CA TYR B 151 -5.07 8.49 -0.29
C TYR B 151 -4.49 7.34 0.53
N THR B 152 -5.01 6.16 0.27
CA THR B 152 -4.48 4.90 0.78
C THR B 152 -4.46 3.89 -0.36
N LEU B 153 -3.46 3.04 -0.32
CA LEU B 153 -3.38 1.97 -1.27
C LEU B 153 -2.66 0.76 -0.65
N ARG B 154 -3.33 -0.38 -0.65
CA ARG B 154 -2.81 -1.55 0.00
C ARG B 154 -2.93 -2.75 -0.91
N GLU B 155 -1.84 -3.50 -1.06
CA GLU B 155 -1.97 -4.81 -1.70
C GLU B 155 -2.81 -5.74 -0.82
N VAL B 156 -3.70 -6.49 -1.46
CA VAL B 156 -4.55 -7.44 -0.75
C VAL B 156 -4.45 -8.82 -1.34
N ASP B 157 -4.89 -9.78 -0.56
CA ASP B 157 -5.01 -11.17 -0.97
C ASP B 157 -6.39 -11.48 -1.56
N THR B 158 -7.41 -10.75 -1.09
CA THR B 158 -8.79 -10.93 -1.58
C THR B 158 -9.33 -9.58 -1.96
N VAL B 159 -9.79 -9.42 -3.21
CA VAL B 159 -10.38 -8.16 -3.62
C VAL B 159 -11.76 -8.02 -2.97
C1 C8Z C . 6.43 3.67 13.99
C2 C8Z C . 7.56 4.03 14.81
C3 C8Z C . 8.05 2.80 15.38
C7 C8Z C . 10.43 7.38 16.63
C8 C8Z C . 9.99 6.30 17.63
C9 C8Z C . 9.54 5.16 16.68
C10 C8Z C . 10.71 4.33 16.20
C11 C8Z C . 11.34 3.47 17.11
C12 C8Z C . 12.41 2.68 16.70
C13 C8Z C . 12.86 2.76 15.37
C14 C8Z C . 12.25 3.63 14.48
C15 C8Z C . 11.17 4.40 14.89
C16 C8Z C . 7.03 6.25 14.08
N1 C8Z C . 6.31 2.30 14.07
C5 C8Z C . 7.86 5.41 14.85
C4 C8Z C . 7.27 1.78 14.90
N2 C8Z C . 8.87 5.93 15.63
C6 C8Z C . 9.32 7.32 15.56
C17 C8Z C . 5.97 5.74 13.32
N3 C8Z C . 5.65 4.45 13.25
S SO4 D . 9.69 -6.35 -5.87
O1 SO4 D . 8.27 -6.53 -5.44
O2 SO4 D . 10.02 -4.90 -5.85
O3 SO4 D . 10.63 -7.13 -5.01
O4 SO4 D . 9.88 -6.95 -7.22
S SO4 E . 8.52 0.65 -3.90
O1 SO4 E . 7.63 0.03 -2.88
O2 SO4 E . 8.10 2.05 -4.13
O3 SO4 E . 8.40 -0.14 -5.14
O4 SO4 E . 9.92 0.65 -3.43
S SO4 F . 16.89 -16.98 12.96
O1 SO4 F . 15.52 -16.87 12.39
O2 SO4 F . 17.25 -15.72 13.65
O3 SO4 F . 16.91 -18.09 13.94
O4 SO4 F . 17.83 -17.28 11.85
S SO4 G . 18.08 -12.11 4.67
O1 SO4 G . 16.88 -12.81 5.20
O2 SO4 G . 18.17 -10.74 5.20
O3 SO4 G . 19.27 -12.89 5.06
O4 SO4 G . 17.99 -12.04 3.20
S SO4 H . 12.82 -15.09 29.11
O1 SO4 H . 13.16 -14.10 28.08
O2 SO4 H . 12.10 -14.37 30.19
O3 SO4 H . 14.07 -15.72 29.63
O4 SO4 H . 11.91 -16.17 28.60
C1 GOL I . 23.63 -1.40 4.38
O1 GOL I . 24.44 -1.02 5.50
C2 GOL I . 23.85 -2.86 3.99
O2 GOL I . 25.24 -3.20 4.03
C3 GOL I . 23.05 -3.78 4.90
O3 GOL I . 23.52 -3.84 6.27
C1 GOL J . -0.50 14.01 -0.62
O1 GOL J . -1.50 13.74 0.37
C2 GOL J . -1.20 14.56 -1.86
O2 GOL J . -2.02 15.67 -1.49
C3 GOL J . -0.19 15.03 -2.89
O3 GOL J . 0.23 13.95 -3.73
C1 C8Z K . -10.42 7.63 -11.72
C2 C8Z K . -11.58 7.61 -12.54
C3 C8Z K . -11.34 6.62 -13.57
C7 C8Z K . -15.93 9.29 -13.62
C8 C8Z K . -15.08 8.97 -14.84
C9 C8Z K . -14.01 8.01 -14.24
C10 C8Z K . -14.55 6.58 -14.30
C11 C8Z K . -14.67 5.98 -15.54
C12 C8Z K . -15.16 4.68 -15.67
C13 C8Z K . -15.52 3.97 -14.52
C14 C8Z K . -15.40 4.56 -13.26
C15 C8Z K . -14.91 5.87 -13.15
C16 C8Z K . -12.34 9.30 -11.05
N1 C8Z K . -9.56 6.70 -12.22
C5 C8Z K . -12.60 8.50 -12.18
C4 C8Z K . -10.10 6.08 -13.33
N2 C8Z K . -13.78 8.62 -12.92
C6 C8Z K . -14.89 9.50 -12.51
C17 C8Z K . -11.13 9.21 -10.35
N3 C8Z K . -10.14 8.38 -10.66
S SO4 L . -6.51 -8.91 2.70
O1 SO4 L . -7.36 -7.76 3.06
O2 SO4 L . -5.12 -8.52 2.38
O3 SO4 L . -6.44 -9.80 3.88
O4 SO4 L . -7.05 -9.65 1.52
S SO4 M . -7.39 -13.95 -19.40
O1 SO4 M . -8.24 -12.78 -19.72
O2 SO4 M . -6.37 -13.52 -18.42
O3 SO4 M . -8.19 -15.06 -18.82
O4 SO4 M . -6.71 -14.43 -20.64
S SO4 N . 2.91 11.12 -2.69
O1 SO4 N . 1.91 12.02 -3.30
O2 SO4 N . 4.18 11.86 -2.59
O3 SO4 N . 2.48 10.69 -1.33
O4 SO4 N . 3.13 9.94 -3.55
S SO4 O . -9.01 -1.72 3.10
O1 SO4 O . -9.67 -0.89 2.07
O2 SO4 O . -9.95 -1.89 4.24
O3 SO4 O . -7.78 -1.02 3.53
O4 SO4 O . -8.72 -3.05 2.54
S SO4 P . -10.63 -13.94 -10.85
O1 SO4 P . -11.44 -12.73 -10.55
O2 SO4 P . -9.18 -13.60 -10.75
O3 SO4 P . -10.89 -14.39 -12.24
O4 SO4 P . -11.00 -15.01 -9.90
S SO4 Q . -20.57 -9.85 -8.55
O1 SO4 Q . -21.64 -8.83 -8.35
O2 SO4 Q . -19.54 -9.64 -7.51
O3 SO4 Q . -21.18 -11.23 -8.41
O4 SO4 Q . -19.90 -9.82 -9.89
#